data_6F34
#
_entry.id   6F34
#
_cell.length_a   77.037
_cell.length_b   82.699
_cell.length_c   118.782
_cell.angle_alpha   90.000
_cell.angle_beta   90.000
_cell.angle_gamma   90.000
#
_symmetry.space_group_name_H-M   'P 21 21 21'
#
loop_
_entity.id
_entity.type
_entity.pdbx_description
1 polymer 'Amino acid transporter'
2 polymer MgtS
3 non-polymer ARGININE
4 non-polymer CHOLESTEROL
5 non-polymer '(2R)-2,3-dihydroxypropyl (9Z)-octadec-9-enoate'
6 water water
#
loop_
_entity_poly.entity_id
_entity_poly.type
_entity_poly.pdbx_seq_one_letter_code
_entity_poly.pdbx_strand_id
1 'polypeptide(L)'
;MNLFRKKPIQLLMKESGAKGASLRKELGAFDLTMLGIGAIIGTGIFVLTGVAAAEHAGPALVLSFILSGLACVFAALCYA
EFASTVPVSGSAYTYSYATFGELIAWILGWDLILEYGVASSAVAVGWSGYFQGLLSGFGIELPKALTSAYDPAKGTFIDL
PAIIIVLFITFLLNLGAKKSARFNAVIVAIKVAVVLLFLAVGVWYVKPENWTPFMPYGFSGVATGAATVFFAYIGFDAVS
TAAEEVRNPQRDMPIGIIVSLLVCTLLYIAVSLVLTGIVPYEQLNVKNPVAFALNYIHQDWVAGFISLGAIAGITTVLLV
SMYGQTRLFYAISRDGLLPKVFARISPTRQVPYVNTWLTGAAVAVFAGIIPLNKLAELTNIGTLFAFITVSIGVLVLRKT
QPDLKRAFRVPFVPVVPILAVLFCGYLVLQLPAMTWIGFVSWLLIGLVIYFIYGRKHSELN
;
A
2 'polypeptide(L)' MLGNMNVFMAVLGIILFSGFLAAYFSH C
#
# COMPACT_ATOMS: atom_id res chain seq x y z
N MET A 1 -2.43 27.53 -1.01
CA MET A 1 -0.97 27.39 -1.03
C MET A 1 -0.28 28.65 -0.53
N ASN A 2 0.37 28.52 0.63
CA ASN A 2 1.13 29.61 1.23
C ASN A 2 2.62 29.29 1.20
N LEU A 3 3.43 30.32 1.00
CA LEU A 3 4.89 30.21 0.92
C LEU A 3 5.29 29.10 -0.06
N PHE A 4 5.10 29.40 -1.33
CA PHE A 4 5.27 28.43 -2.42
C PHE A 4 6.55 28.73 -3.18
N ARG A 5 7.50 27.80 -3.11
CA ARG A 5 8.68 27.79 -3.97
C ARG A 5 8.57 26.54 -4.84
N LYS A 6 7.76 26.63 -5.89
CA LYS A 6 7.51 25.48 -6.74
C LYS A 6 8.80 24.98 -7.38
N LYS A 7 8.98 23.68 -7.39
CA LYS A 7 10.07 23.07 -8.13
C LYS A 7 9.73 23.06 -9.61
N PRO A 8 10.54 23.68 -10.48
CA PRO A 8 10.26 23.61 -11.91
C PRO A 8 10.31 22.18 -12.41
N ILE A 9 9.34 21.83 -13.25
CA ILE A 9 9.27 20.47 -13.79
C ILE A 9 10.55 20.12 -14.53
N GLN A 10 11.21 21.11 -15.14
CA GLN A 10 12.48 20.87 -15.80
C GLN A 10 13.50 20.29 -14.83
N LEU A 11 13.50 20.78 -13.58
CA LEU A 11 14.46 20.27 -12.60
C LEU A 11 14.14 18.83 -12.19
N LEU A 12 12.86 18.46 -12.16
CA LEU A 12 12.49 17.08 -11.85
C LEU A 12 12.90 16.14 -12.96
N MET A 13 12.87 16.60 -14.22
CA MET A 13 13.34 15.78 -15.33
C MET A 13 14.83 15.53 -15.24
N LYS A 14 15.60 16.55 -14.82
CA LYS A 14 17.05 16.42 -14.76
C LYS A 14 17.46 15.44 -13.66
N GLU A 15 16.75 15.44 -12.53
CA GLU A 15 17.08 14.50 -11.46
C GLU A 15 16.63 13.09 -11.80
N SER A 16 15.40 12.93 -12.32
CA SER A 16 14.94 11.62 -12.75
C SER A 16 15.67 11.12 -13.98
N GLY A 17 16.38 12.01 -14.69
CA GLY A 17 17.16 11.60 -15.84
C GLY A 17 18.59 11.29 -15.49
N ALA A 18 19.15 12.02 -14.51
CA ALA A 18 20.52 11.75 -14.08
C ALA A 18 20.59 10.48 -13.25
N LYS A 19 19.61 10.27 -12.36
CA LYS A 19 19.57 9.03 -11.59
C LYS A 19 19.23 7.83 -12.46
N GLY A 20 18.47 8.05 -13.53
CA GLY A 20 18.08 6.96 -14.41
C GLY A 20 18.79 6.96 -15.74
N ALA A 21 19.98 7.56 -15.80
CA ALA A 21 20.74 7.57 -17.03
C ALA A 21 21.42 6.22 -17.27
N SER A 22 21.99 5.62 -16.23
CA SER A 22 22.64 4.32 -16.36
C SER A 22 21.65 3.17 -16.38
N LEU A 23 20.45 3.37 -15.84
CA LEU A 23 19.47 2.29 -15.76
C LEU A 23 18.91 1.97 -17.14
N ARG A 24 18.73 0.68 -17.41
CA ARG A 24 18.19 0.22 -18.68
C ARG A 24 16.67 0.27 -18.62
N LYS A 25 16.05 0.99 -19.55
CA LYS A 25 14.60 1.09 -19.63
C LYS A 25 14.06 0.08 -20.63
N GLU A 26 13.13 -0.75 -20.17
CA GLU A 26 12.56 -1.81 -21.00
C GLU A 26 11.24 -2.32 -20.43
N LEU A 27 10.81 -1.74 -19.32
CA LEU A 27 9.56 -2.16 -18.70
C LEU A 27 8.37 -1.67 -19.49
N GLY A 28 7.29 -2.44 -19.45
CA GLY A 28 6.08 -2.09 -20.19
C GLY A 28 4.86 -1.95 -19.30
N ALA A 29 3.68 -1.87 -19.93
CA ALA A 29 2.44 -1.70 -19.18
C ALA A 29 2.09 -2.93 -18.35
N PHE A 30 2.64 -4.09 -18.68
CA PHE A 30 2.40 -5.29 -17.88
C PHE A 30 3.29 -5.33 -16.65
N ASP A 31 4.59 -5.01 -16.84
CA ASP A 31 5.51 -5.00 -15.71
C ASP A 31 5.09 -3.96 -14.68
N LEU A 32 4.56 -2.83 -15.13
CA LEU A 32 4.12 -1.80 -14.19
C LEU A 32 2.84 -2.19 -13.48
N THR A 33 1.97 -2.96 -14.16
CA THR A 33 0.79 -3.47 -13.48
C THR A 33 1.16 -4.49 -12.41
N MET A 34 2.19 -5.30 -12.67
CA MET A 34 2.70 -6.20 -11.64
C MET A 34 3.28 -5.42 -10.47
N LEU A 35 3.93 -4.29 -10.75
CA LEU A 35 4.46 -3.46 -9.68
C LEU A 35 3.36 -2.86 -8.83
N GLY A 36 2.21 -2.57 -9.44
CA GLY A 36 1.07 -2.05 -8.70
C GLY A 36 0.36 -3.12 -7.90
N ILE A 37 0.02 -4.23 -8.56
CA ILE A 37 -0.68 -5.33 -7.88
C ILE A 37 0.19 -5.91 -6.77
N GLY A 38 1.51 -6.02 -7.03
CA GLY A 38 2.44 -6.49 -6.02
C GLY A 38 2.58 -5.58 -4.82
N ALA A 39 2.08 -4.35 -4.90
CA ALA A 39 2.14 -3.40 -3.80
C ALA A 39 0.78 -3.12 -3.19
N ILE A 40 -0.30 -3.66 -3.75
CA ILE A 40 -1.65 -3.42 -3.26
C ILE A 40 -2.19 -4.62 -2.49
N ILE A 41 -2.15 -5.81 -3.09
CA ILE A 41 -2.70 -7.00 -2.44
C ILE A 41 -1.80 -7.38 -1.27
N GLY A 42 -2.36 -7.34 -0.05
CA GLY A 42 -1.59 -7.68 1.13
C GLY A 42 -2.40 -7.77 2.40
N THR A 43 -1.94 -7.09 3.46
CA THR A 43 -2.58 -7.22 4.77
C THR A 43 -4.01 -6.70 4.76
N GLY A 44 -4.29 -5.68 3.93
CA GLY A 44 -5.63 -5.11 3.90
C GLY A 44 -6.70 -6.11 3.53
N ILE A 45 -6.48 -6.88 2.46
CA ILE A 45 -7.48 -7.86 2.04
C ILE A 45 -7.31 -9.17 2.80
N PHE A 46 -6.08 -9.55 3.16
CA PHE A 46 -5.85 -10.85 3.79
C PHE A 46 -6.21 -10.86 5.27
N VAL A 47 -6.17 -9.71 5.94
CA VAL A 47 -6.35 -9.67 7.38
C VAL A 47 -7.49 -8.73 7.77
N LEU A 48 -7.38 -7.47 7.32
CA LEU A 48 -8.33 -6.43 7.76
C LEU A 48 -9.77 -6.75 7.34
N THR A 49 -9.97 -7.60 6.35
CA THR A 49 -11.32 -7.96 5.94
C THR A 49 -12.07 -8.66 7.06
N GLY A 50 -11.36 -9.40 7.91
CA GLY A 50 -12.03 -10.13 8.98
C GLY A 50 -12.57 -9.21 10.06
N VAL A 51 -11.72 -8.31 10.58
CA VAL A 51 -12.15 -7.39 11.63
C VAL A 51 -13.21 -6.43 11.11
N ALA A 52 -13.03 -5.92 9.89
CA ALA A 52 -14.00 -4.99 9.31
C ALA A 52 -15.36 -5.66 9.15
N ALA A 53 -15.39 -6.92 8.74
CA ALA A 53 -16.66 -7.61 8.62
C ALA A 53 -17.28 -7.87 9.98
N ALA A 54 -16.46 -8.31 10.94
CA ALA A 54 -17.00 -8.72 12.24
C ALA A 54 -17.52 -7.54 13.03
N GLU A 55 -16.80 -6.42 13.04
CA GLU A 55 -17.07 -5.34 13.98
C GLU A 55 -17.40 -4.01 13.31
N HIS A 56 -17.49 -3.94 11.98
CA HIS A 56 -17.85 -2.71 11.31
C HIS A 56 -19.07 -2.86 10.41
N ALA A 57 -18.98 -3.65 9.34
CA ALA A 57 -20.04 -3.69 8.34
C ALA A 57 -20.81 -5.01 8.29
N GLY A 58 -20.12 -6.14 8.35
CA GLY A 58 -20.77 -7.42 8.21
C GLY A 58 -20.75 -7.90 6.78
N PRO A 59 -21.83 -8.55 6.35
CA PRO A 59 -21.94 -8.92 4.92
C PRO A 59 -21.95 -7.71 4.01
N ALA A 60 -22.39 -6.55 4.50
CA ALA A 60 -22.39 -5.31 3.74
C ALA A 60 -20.98 -4.73 3.56
N LEU A 61 -19.93 -5.45 3.96
CA LEU A 61 -18.57 -5.00 3.71
C LEU A 61 -18.28 -4.89 2.22
N VAL A 62 -19.09 -5.52 1.37
CA VAL A 62 -18.93 -5.36 -0.07
C VAL A 62 -19.25 -3.92 -0.47
N LEU A 63 -20.29 -3.33 0.12
CA LEU A 63 -20.56 -1.91 -0.12
C LEU A 63 -19.45 -1.03 0.44
N SER A 64 -18.82 -1.47 1.54
CA SER A 64 -17.67 -0.75 2.08
C SER A 64 -16.50 -0.76 1.09
N PHE A 65 -16.32 -1.88 0.40
CA PHE A 65 -15.26 -1.96 -0.61
C PHE A 65 -15.62 -1.13 -1.85
N ILE A 66 -16.90 -1.01 -2.17
CA ILE A 66 -17.30 -0.25 -3.34
C ILE A 66 -17.17 1.25 -3.08
N LEU A 67 -17.61 1.70 -1.90
CA LEU A 67 -17.42 3.11 -1.53
C LEU A 67 -15.94 3.44 -1.40
N SER A 68 -15.19 2.59 -0.71
CA SER A 68 -13.75 2.82 -0.58
C SER A 68 -13.05 2.67 -1.92
N GLY A 69 -13.50 1.72 -2.75
CA GLY A 69 -12.91 1.59 -4.07
C GLY A 69 -13.20 2.77 -4.96
N LEU A 70 -14.40 3.33 -4.86
CA LEU A 70 -14.75 4.50 -5.66
C LEU A 70 -13.87 5.69 -5.30
N ALA A 71 -13.56 5.86 -4.02
CA ALA A 71 -12.69 6.96 -3.60
C ALA A 71 -11.29 6.80 -4.19
N CYS A 72 -10.79 5.56 -4.25
CA CYS A 72 -9.44 5.36 -4.75
C CYS A 72 -9.38 5.48 -6.27
N VAL A 73 -10.47 5.14 -6.96
CA VAL A 73 -10.49 5.27 -8.42
C VAL A 73 -10.38 6.74 -8.81
N PHE A 74 -11.22 7.59 -8.22
CA PHE A 74 -11.14 9.02 -8.50
C PHE A 74 -9.76 9.58 -8.17
N ALA A 75 -9.16 9.10 -7.08
CA ALA A 75 -7.84 9.57 -6.70
C ALA A 75 -6.74 8.97 -7.57
N ALA A 76 -6.92 7.72 -8.01
CA ALA A 76 -5.90 7.10 -8.86
C ALA A 76 -5.83 7.78 -10.22
N LEU A 77 -6.96 8.31 -10.71
CA LEU A 77 -6.94 9.04 -11.96
C LEU A 77 -6.12 10.32 -11.84
N CYS A 78 -6.14 10.95 -10.67
CA CYS A 78 -5.33 12.13 -10.45
C CYS A 78 -3.85 11.77 -10.38
N TYR A 79 -3.51 10.71 -9.65
CA TYR A 79 -2.14 10.21 -9.66
C TYR A 79 -1.69 9.83 -11.07
N ALA A 80 -2.63 9.35 -11.89
CA ALA A 80 -2.27 8.93 -13.25
C ALA A 80 -1.91 10.12 -14.12
N GLU A 81 -2.69 11.20 -14.05
CA GLU A 81 -2.36 12.38 -14.84
C GLU A 81 -1.04 13.00 -14.39
N PHE A 82 -0.73 12.94 -13.09
CA PHE A 82 0.57 13.40 -12.62
C PHE A 82 1.69 12.53 -13.15
N ALA A 83 1.49 11.20 -13.16
CA ALA A 83 2.48 10.31 -13.74
C ALA A 83 2.62 10.51 -15.24
N SER A 84 1.54 10.94 -15.91
CA SER A 84 1.62 11.21 -17.34
C SER A 84 2.19 12.59 -17.64
N THR A 85 1.95 13.57 -16.76
CA THR A 85 2.44 14.93 -16.96
C THR A 85 3.84 15.13 -16.39
N VAL A 86 4.13 14.55 -15.22
CA VAL A 86 5.45 14.63 -14.61
C VAL A 86 6.00 13.23 -14.48
N PRO A 87 6.49 12.62 -15.57
CA PRO A 87 6.93 11.21 -15.54
C PRO A 87 8.30 11.03 -14.88
N VAL A 88 8.39 11.42 -13.61
CA VAL A 88 9.63 11.35 -12.86
C VAL A 88 9.53 10.25 -11.82
N SER A 89 10.68 9.76 -11.39
CA SER A 89 10.76 8.71 -10.37
C SER A 89 10.40 9.27 -9.00
N GLY A 90 9.14 9.66 -8.83
CA GLY A 90 8.69 10.21 -7.57
C GLY A 90 7.19 10.15 -7.45
N SER A 91 6.70 10.35 -6.22
CA SER A 91 5.28 10.23 -5.93
C SER A 91 4.67 11.55 -5.48
N ALA A 92 3.74 11.48 -4.52
CA ALA A 92 2.95 12.64 -4.15
C ALA A 92 3.80 13.78 -3.58
N TYR A 93 4.98 13.46 -3.04
CA TYR A 93 5.87 14.52 -2.57
C TYR A 93 6.44 15.30 -3.74
N THR A 94 6.92 14.60 -4.77
CA THR A 94 7.49 15.27 -5.93
C THR A 94 6.42 15.98 -6.74
N TYR A 95 5.18 15.48 -6.71
CA TYR A 95 4.09 16.15 -7.42
C TYR A 95 3.70 17.44 -6.73
N SER A 96 3.56 17.40 -5.40
CA SER A 96 3.15 18.59 -4.66
C SER A 96 4.23 19.67 -4.68
N TYR A 97 5.49 19.27 -4.83
CA TYR A 97 6.57 20.25 -4.89
C TYR A 97 6.52 21.05 -6.18
N ALA A 98 5.99 20.46 -7.25
CA ALA A 98 5.93 21.13 -8.54
C ALA A 98 4.63 21.91 -8.76
N THR A 99 3.57 21.57 -8.01
CA THR A 99 2.28 22.23 -8.16
C THR A 99 2.01 23.25 -7.06
N PHE A 100 2.08 22.83 -5.80
CA PHE A 100 1.93 23.76 -4.67
C PHE A 100 3.28 24.40 -4.35
N GLY A 101 4.17 23.63 -3.71
CA GLY A 101 5.52 24.10 -3.44
C GLY A 101 5.92 24.07 -1.98
N GLU A 102 7.20 23.74 -1.75
CA GLU A 102 7.86 23.78 -0.45
C GLU A 102 6.97 23.44 0.75
N LEU A 103 6.18 24.41 1.20
CA LEU A 103 5.39 24.23 2.42
C LEU A 103 4.44 23.05 2.29
N ILE A 104 3.63 23.03 1.23
CA ILE A 104 2.70 21.93 1.03
C ILE A 104 3.46 20.65 0.71
N ALA A 105 4.57 20.76 -0.01
CA ALA A 105 5.39 19.59 -0.30
C ALA A 105 6.02 19.02 0.96
N TRP A 106 6.43 19.90 1.88
CA TRP A 106 7.06 19.43 3.11
C TRP A 106 6.04 18.76 4.02
N ILE A 107 4.86 19.37 4.18
CA ILE A 107 3.82 18.78 5.02
C ILE A 107 3.45 17.39 4.51
N LEU A 108 3.19 17.29 3.21
CA LEU A 108 2.87 15.98 2.62
C LEU A 108 4.03 15.01 2.75
N GLY A 109 5.25 15.50 2.49
CA GLY A 109 6.42 14.64 2.63
C GLY A 109 6.61 14.16 4.05
N TRP A 110 6.56 15.09 5.01
CA TRP A 110 6.59 14.71 6.43
C TRP A 110 5.43 13.78 6.76
N ASP A 111 4.26 14.02 6.16
CA ASP A 111 3.13 13.12 6.36
C ASP A 111 3.42 11.73 5.79
N LEU A 112 4.10 11.67 4.65
CA LEU A 112 4.37 10.38 4.02
C LEU A 112 5.54 9.66 4.69
N ILE A 113 6.46 10.39 5.32
CA ILE A 113 7.52 9.75 6.08
C ILE A 113 6.92 8.84 7.14
N LEU A 114 5.84 9.29 7.79
CA LEU A 114 5.16 8.48 8.79
C LEU A 114 4.23 7.45 8.14
N GLU A 115 3.51 7.84 7.09
CA GLU A 115 2.52 6.94 6.50
C GLU A 115 3.17 5.69 5.94
N TYR A 116 4.29 5.84 5.22
CA TYR A 116 5.02 4.66 4.75
C TYR A 116 5.56 3.83 5.92
N GLY A 117 5.87 4.47 7.05
CA GLY A 117 6.43 3.78 8.19
C GLY A 117 5.40 3.02 9.01
N VAL A 118 4.28 3.68 9.31
CA VAL A 118 3.22 3.00 10.07
C VAL A 118 2.60 1.89 9.24
N ALA A 119 2.47 2.10 7.93
CA ALA A 119 1.97 1.04 7.06
C ALA A 119 2.94 -0.14 7.02
N SER A 120 4.24 0.13 7.07
CA SER A 120 5.22 -0.95 7.11
C SER A 120 5.05 -1.78 8.38
N SER A 121 4.79 -1.13 9.51
CA SER A 121 4.49 -1.86 10.74
C SER A 121 3.17 -2.60 10.63
N ALA A 122 2.17 -1.99 10.00
CA ALA A 122 0.86 -2.62 9.87
C ALA A 122 0.92 -3.85 8.97
N VAL A 123 1.68 -3.77 7.87
CA VAL A 123 1.78 -4.90 6.95
C VAL A 123 2.45 -6.08 7.65
N ALA A 124 3.43 -5.80 8.51
CA ALA A 124 4.15 -6.87 9.19
C ALA A 124 3.33 -7.52 10.30
N VAL A 125 2.41 -6.77 10.91
CA VAL A 125 1.54 -7.35 11.93
C VAL A 125 0.60 -8.38 11.31
N GLY A 126 -0.02 -8.02 10.19
CA GLY A 126 -0.83 -8.99 9.47
C GLY A 126 -0.01 -10.15 8.92
N TRP A 127 1.24 -9.88 8.55
CA TRP A 127 2.12 -10.97 8.13
C TRP A 127 2.41 -11.93 9.27
N SER A 128 2.56 -11.39 10.49
CA SER A 128 2.78 -12.23 11.65
C SER A 128 1.59 -13.13 11.94
N GLY A 129 0.38 -12.69 11.58
CA GLY A 129 -0.80 -13.50 11.84
C GLY A 129 -0.85 -14.73 10.95
N TYR A 130 -0.59 -14.55 9.64
CA TYR A 130 -0.63 -15.68 8.72
C TYR A 130 0.56 -16.61 8.93
N PHE A 131 1.73 -16.06 9.30
CA PHE A 131 2.89 -16.90 9.55
C PHE A 131 2.66 -17.79 10.78
N GLN A 132 2.09 -17.22 11.84
CA GLN A 132 1.80 -18.01 13.03
C GLN A 132 0.67 -19.00 12.78
N GLY A 133 -0.36 -18.57 12.05
CA GLY A 133 -1.46 -19.48 11.75
C GLY A 133 -1.03 -20.64 10.87
N LEU A 134 -0.11 -20.38 9.94
CA LEU A 134 0.42 -21.44 9.09
C LEU A 134 1.25 -22.43 9.90
N LEU A 135 1.91 -21.96 10.96
CA LEU A 135 2.76 -22.85 11.76
C LEU A 135 1.91 -23.79 12.60
N SER A 136 0.86 -23.28 13.23
CA SER A 136 -0.03 -24.12 14.04
C SER A 136 -0.79 -25.07 13.13
N GLY A 137 -0.41 -26.35 13.16
CA GLY A 137 -1.02 -27.35 12.31
C GLY A 137 -0.14 -27.74 11.14
N GLU A 141 5.03 -25.04 15.64
CA GLU A 141 3.59 -24.94 15.78
C GLU A 141 3.19 -23.57 16.35
N LEU A 142 3.52 -23.34 17.62
CA LEU A 142 3.19 -22.11 18.29
C LEU A 142 4.37 -21.63 19.12
N PRO A 143 4.70 -20.34 19.07
CA PRO A 143 5.74 -19.80 19.96
C PRO A 143 5.21 -19.58 21.37
N LYS A 144 5.97 -18.87 22.19
CA LYS A 144 5.49 -18.55 23.53
C LYS A 144 4.25 -17.66 23.43
N ALA A 145 3.31 -17.88 24.36
CA ALA A 145 2.04 -17.16 24.31
C ALA A 145 2.24 -15.66 24.52
N LEU A 146 3.27 -15.28 25.26
CA LEU A 146 3.51 -13.87 25.58
C LEU A 146 4.21 -13.12 24.45
N THR A 147 4.51 -13.77 23.33
CA THR A 147 5.20 -13.14 22.21
C THR A 147 4.46 -13.45 20.91
N SER A 148 3.21 -12.99 20.83
CA SER A 148 2.38 -13.28 19.66
C SER A 148 1.47 -12.13 19.25
N ALA A 149 1.41 -11.04 20.01
CA ALA A 149 0.56 -9.91 19.68
C ALA A 149 1.06 -8.68 20.45
N TYR A 150 0.31 -7.59 20.37
CA TYR A 150 0.67 -6.38 21.09
C TYR A 150 0.48 -6.59 22.59
N ASP A 151 0.83 -5.57 23.38
CA ASP A 151 0.78 -5.66 24.83
C ASP A 151 -0.57 -5.20 25.35
N PRO A 152 -1.46 -6.10 25.79
CA PRO A 152 -2.77 -5.66 26.29
C PRO A 152 -2.86 -5.77 27.81
N ALA A 153 -4.00 -6.25 28.30
CA ALA A 153 -4.20 -6.49 29.72
C ALA A 153 -4.01 -7.96 30.11
N LYS A 154 -4.32 -8.88 29.21
CA LYS A 154 -4.16 -10.31 29.47
C LYS A 154 -3.68 -10.98 28.18
N GLY A 155 -2.51 -11.62 28.26
CA GLY A 155 -2.06 -12.42 27.15
C GLY A 155 -0.62 -12.22 26.71
N THR A 156 -0.38 -11.17 25.91
CA THR A 156 0.85 -11.04 25.14
C THR A 156 1.69 -9.87 25.64
N PHE A 157 2.93 -9.84 25.15
CA PHE A 157 3.85 -8.72 25.38
C PHE A 157 4.24 -8.04 24.08
N ILE A 158 4.94 -8.73 23.18
CA ILE A 158 5.38 -8.15 21.92
C ILE A 158 5.09 -9.12 20.78
N ASP A 159 4.93 -8.57 19.58
CA ASP A 159 4.67 -9.38 18.39
C ASP A 159 6.01 -9.71 17.75
N LEU A 160 6.61 -10.82 18.20
CA LEU A 160 7.94 -11.19 17.73
C LEU A 160 8.00 -11.51 16.24
N PRO A 161 7.06 -12.27 15.65
CA PRO A 161 7.16 -12.52 14.21
C PRO A 161 7.08 -11.26 13.37
N ALA A 162 6.25 -10.28 13.77
CA ALA A 162 6.20 -9.03 13.05
C ALA A 162 7.51 -8.26 13.18
N ILE A 163 8.17 -8.38 14.34
CA ILE A 163 9.46 -7.74 14.53
C ILE A 163 10.52 -8.38 13.64
N ILE A 164 10.50 -9.72 13.54
CA ILE A 164 11.54 -10.43 12.81
C ILE A 164 11.45 -10.14 11.32
N ILE A 165 10.23 -10.13 10.76
CA ILE A 165 10.09 -9.94 9.33
C ILE A 165 10.48 -8.53 8.91
N VAL A 166 10.34 -7.55 9.81
CA VAL A 166 10.78 -6.19 9.50
C VAL A 166 12.30 -6.12 9.44
N LEU A 167 12.97 -6.66 10.46
CA LEU A 167 14.43 -6.69 10.45
C LEU A 167 14.97 -7.53 9.30
N PHE A 168 14.21 -8.52 8.86
CA PHE A 168 14.63 -9.34 7.71
C PHE A 168 14.57 -8.53 6.43
N ILE A 169 13.46 -7.80 6.21
CA ILE A 169 13.36 -6.94 5.04
C ILE A 169 14.36 -5.79 5.14
N THR A 170 14.63 -5.31 6.35
CA THR A 170 15.69 -4.32 6.53
C THR A 170 17.04 -4.89 6.14
N PHE A 171 17.30 -6.15 6.51
CA PHE A 171 18.52 -6.82 6.08
C PHE A 171 18.54 -7.02 4.57
N LEU A 172 17.37 -7.23 3.96
CA LEU A 172 17.32 -7.43 2.51
C LEU A 172 17.59 -6.13 1.77
N LEU A 173 16.91 -5.05 2.14
CA LEU A 173 17.11 -3.78 1.46
C LEU A 173 18.51 -3.22 1.70
N ASN A 174 19.15 -3.61 2.80
CA ASN A 174 20.53 -3.19 3.04
C ASN A 174 21.47 -3.81 2.03
N LEU A 175 21.28 -5.10 1.73
CA LEU A 175 22.11 -5.75 0.72
C LEU A 175 21.85 -5.17 -0.67
N GLY A 176 20.61 -4.84 -0.96
CA GLY A 176 20.25 -4.23 -2.23
C GLY A 176 20.37 -5.18 -3.41
N ALA A 177 19.78 -6.36 -3.29
CA ALA A 177 19.75 -7.29 -4.42
C ALA A 177 18.96 -6.69 -5.57
N LYS A 178 19.58 -6.66 -6.76
CA LYS A 178 18.99 -6.02 -7.91
C LYS A 178 17.62 -6.62 -8.23
N LYS A 179 16.57 -5.81 -8.07
CA LYS A 179 15.22 -6.28 -8.28
C LYS A 179 15.01 -6.72 -9.72
N SER A 180 14.35 -7.86 -9.89
CA SER A 180 14.11 -8.46 -11.21
C SER A 180 12.66 -8.28 -11.60
N ALA A 181 12.43 -7.87 -12.86
CA ALA A 181 11.06 -7.70 -13.34
C ALA A 181 10.36 -9.04 -13.51
N ARG A 182 11.10 -10.10 -13.85
CA ARG A 182 10.50 -11.42 -13.99
C ARG A 182 10.25 -12.06 -12.62
N PHE A 183 11.18 -11.87 -11.68
CA PHE A 183 10.97 -12.36 -10.32
C PHE A 183 9.75 -11.69 -9.68
N ASN A 184 9.50 -10.43 -10.03
CA ASN A 184 8.33 -9.74 -9.49
C ASN A 184 7.03 -10.34 -10.01
N ALA A 185 6.98 -10.67 -11.30
CA ALA A 185 5.76 -11.22 -11.87
C ALA A 185 5.42 -12.60 -11.29
N VAL A 186 6.44 -13.35 -10.88
CA VAL A 186 6.19 -14.66 -10.26
C VAL A 186 5.53 -14.48 -8.90
N ILE A 187 6.11 -13.61 -8.06
CA ILE A 187 5.59 -13.42 -6.72
C ILE A 187 4.18 -12.83 -6.77
N VAL A 188 3.94 -11.94 -7.73
CA VAL A 188 2.60 -11.37 -7.89
C VAL A 188 1.61 -12.43 -8.35
N ALA A 189 2.03 -13.29 -9.28
CA ALA A 189 1.14 -14.36 -9.73
C ALA A 189 0.83 -15.35 -8.62
N ILE A 190 1.78 -15.55 -7.69
CA ILE A 190 1.49 -16.36 -6.51
C ILE A 190 0.36 -15.72 -5.70
N LYS A 191 0.42 -14.39 -5.54
CA LYS A 191 -0.61 -13.69 -4.79
C LYS A 191 -1.96 -13.75 -5.50
N VAL A 192 -1.96 -13.55 -6.83
CA VAL A 192 -3.22 -13.52 -7.56
C VAL A 192 -3.84 -14.92 -7.61
N ALA A 193 -3.02 -15.94 -7.78
CA ALA A 193 -3.55 -17.30 -7.93
C ALA A 193 -4.21 -17.79 -6.66
N VAL A 194 -3.57 -17.55 -5.50
CA VAL A 194 -4.14 -18.02 -4.25
C VAL A 194 -5.42 -17.28 -3.91
N VAL A 195 -5.52 -16.00 -4.28
CA VAL A 195 -6.77 -15.27 -4.12
C VAL A 195 -7.84 -15.86 -5.04
N LEU A 196 -7.46 -16.17 -6.28
CA LEU A 196 -8.37 -16.88 -7.17
C LEU A 196 -8.64 -18.30 -6.67
N LEU A 197 -7.63 -18.92 -6.05
CA LEU A 197 -7.82 -20.26 -5.50
C LEU A 197 -8.84 -20.24 -4.37
N PHE A 198 -8.81 -19.21 -3.52
CA PHE A 198 -9.81 -19.08 -2.47
C PHE A 198 -11.20 -18.87 -3.07
N LEU A 199 -11.30 -17.97 -4.04
CA LEU A 199 -12.61 -17.67 -4.64
C LEU A 199 -13.17 -18.89 -5.38
N ALA A 200 -12.30 -19.64 -6.06
CA ALA A 200 -12.76 -20.80 -6.81
C ALA A 200 -13.21 -21.92 -5.88
N VAL A 201 -12.44 -22.19 -4.82
CA VAL A 201 -12.79 -23.23 -3.87
C VAL A 201 -13.90 -22.76 -2.93
N GLY A 202 -13.81 -21.51 -2.46
CA GLY A 202 -14.76 -21.01 -1.49
C GLY A 202 -16.15 -20.78 -2.02
N VAL A 203 -16.30 -20.65 -3.35
CA VAL A 203 -17.62 -20.40 -3.91
C VAL A 203 -18.52 -21.63 -3.76
N TRP A 204 -17.94 -22.82 -3.65
CA TRP A 204 -18.71 -24.04 -3.50
C TRP A 204 -19.31 -24.20 -2.12
N TYR A 205 -18.97 -23.32 -1.17
CA TYR A 205 -19.38 -23.48 0.22
C TYR A 205 -20.18 -22.28 0.72
N VAL A 206 -20.60 -21.39 -0.16
CA VAL A 206 -21.25 -20.14 0.25
C VAL A 206 -22.70 -20.42 0.61
N LYS A 207 -23.07 -20.14 1.86
CA LYS A 207 -24.46 -20.23 2.30
C LYS A 207 -25.05 -18.84 2.38
N PRO A 208 -26.03 -18.50 1.53
CA PRO A 208 -26.61 -17.14 1.58
C PRO A 208 -27.29 -16.80 2.89
N GLU A 209 -27.45 -17.77 3.80
CA GLU A 209 -27.97 -17.45 5.13
C GLU A 209 -27.00 -16.56 5.90
N ASN A 210 -25.70 -16.69 5.63
CA ASN A 210 -24.70 -15.84 6.25
C ASN A 210 -24.68 -14.44 5.67
N TRP A 211 -25.51 -14.16 4.66
CA TRP A 211 -25.67 -12.82 4.11
C TRP A 211 -26.95 -12.13 4.57
N THR A 212 -27.88 -12.87 5.18
CA THR A 212 -29.21 -12.32 5.47
C THR A 212 -29.15 -11.11 6.39
N PRO A 213 -28.47 -11.13 7.55
CA PRO A 213 -28.26 -9.87 8.27
C PRO A 213 -27.25 -9.02 7.52
N PHE A 214 -27.69 -8.40 6.42
CA PHE A 214 -26.77 -7.77 5.50
C PHE A 214 -26.12 -6.53 6.13
N MET A 215 -26.93 -5.63 6.68
CA MET A 215 -26.44 -4.41 7.31
C MET A 215 -26.85 -4.38 8.77
N PRO A 216 -26.20 -5.21 9.61
CA PRO A 216 -26.56 -5.20 11.04
C PRO A 216 -26.15 -3.91 11.72
N TYR A 217 -25.02 -3.32 11.34
CA TYR A 217 -24.57 -2.04 11.86
C TYR A 217 -25.03 -0.87 11.00
N GLY A 218 -25.87 -1.12 10.00
CA GLY A 218 -26.38 -0.07 9.13
C GLY A 218 -25.29 0.50 8.22
N PHE A 219 -25.67 1.58 7.53
CA PHE A 219 -24.72 2.28 6.68
C PHE A 219 -23.66 3.01 7.50
N SER A 220 -23.96 3.32 8.77
CA SER A 220 -22.95 3.88 9.65
C SER A 220 -21.76 2.92 9.80
N GLY A 221 -22.04 1.63 9.94
CA GLY A 221 -20.98 0.63 9.97
C GLY A 221 -20.36 0.34 8.63
N VAL A 222 -21.11 0.58 7.54
CA VAL A 222 -20.52 0.45 6.20
C VAL A 222 -19.47 1.53 5.98
N ALA A 223 -19.73 2.74 6.48
CA ALA A 223 -18.81 3.85 6.27
C ALA A 223 -17.55 3.70 7.13
N THR A 224 -17.71 3.34 8.40
CA THR A 224 -16.55 3.14 9.27
C THR A 224 -15.71 1.95 8.81
N GLY A 225 -16.34 0.95 8.19
CA GLY A 225 -15.57 -0.13 7.61
C GLY A 225 -14.85 0.26 6.34
N ALA A 226 -15.40 1.23 5.60
CA ALA A 226 -14.76 1.69 4.37
C ALA A 226 -13.43 2.37 4.66
N ALA A 227 -13.37 3.13 5.75
CA ALA A 227 -12.10 3.74 6.15
C ALA A 227 -11.11 2.68 6.61
N THR A 228 -11.60 1.53 7.09
CA THR A 228 -10.70 0.47 7.54
C THR A 228 -10.07 -0.26 6.36
N VAL A 229 -10.90 -0.77 5.44
CA VAL A 229 -10.38 -1.50 4.29
C VAL A 229 -9.90 -0.57 3.19
N PHE A 230 -9.96 0.75 3.40
CA PHE A 230 -9.26 1.67 2.53
C PHE A 230 -7.77 1.37 2.50
N PHE A 231 -7.25 0.83 3.60
CA PHE A 231 -5.86 0.37 3.68
C PHE A 231 -5.49 -0.56 2.53
N ALA A 232 -6.43 -1.41 2.11
CA ALA A 232 -6.11 -2.46 1.14
C ALA A 232 -5.78 -1.92 -0.24
N TYR A 233 -6.29 -0.74 -0.59
CA TYR A 233 -6.11 -0.22 -1.95
C TYR A 233 -4.80 0.53 -2.14
N ILE A 234 -4.11 0.92 -1.06
CA ILE A 234 -2.89 1.69 -1.20
C ILE A 234 -1.83 0.84 -1.87
N GLY A 235 -1.05 1.46 -2.75
CA GLY A 235 0.04 0.76 -3.40
C GLY A 235 0.22 1.11 -4.87
N PHE A 236 -0.85 1.57 -5.51
CA PHE A 236 -0.77 1.91 -6.92
C PHE A 236 0.15 3.11 -7.18
N ASP A 237 0.45 3.90 -6.14
CA ASP A 237 1.39 4.99 -6.28
C ASP A 237 2.82 4.50 -6.49
N ALA A 238 3.11 3.24 -6.17
CA ALA A 238 4.44 2.68 -6.33
C ALA A 238 4.80 2.41 -7.78
N VAL A 239 3.88 2.63 -8.72
CA VAL A 239 4.20 2.41 -10.13
C VAL A 239 5.22 3.42 -10.62
N SER A 240 5.16 4.66 -10.12
CA SER A 240 6.10 5.71 -10.53
C SER A 240 7.51 5.49 -10.02
N THR A 241 7.75 4.44 -9.23
CA THR A 241 9.10 4.18 -8.75
C THR A 241 10.04 3.83 -9.90
N ALA A 242 9.60 2.95 -10.79
CA ALA A 242 10.39 2.53 -11.94
C ALA A 242 10.22 3.46 -13.14
N ALA A 243 9.94 4.75 -12.91
CA ALA A 243 9.72 5.67 -14.02
C ALA A 243 10.97 5.80 -14.89
N GLU A 244 12.14 5.56 -14.32
CA GLU A 244 13.38 5.63 -15.09
C GLU A 244 13.62 4.39 -15.94
N GLU A 245 12.88 3.31 -15.68
CA GLU A 245 13.12 2.02 -16.33
C GLU A 245 12.02 1.67 -17.33
N VAL A 246 11.20 2.64 -17.73
CA VAL A 246 10.07 2.40 -18.63
C VAL A 246 10.34 3.11 -19.95
N ARG A 247 10.15 2.39 -21.06
CA ARG A 247 10.09 3.01 -22.36
C ARG A 247 8.71 3.63 -22.56
N ASN A 248 8.69 4.92 -22.88
CA ASN A 248 7.46 5.72 -22.92
C ASN A 248 6.76 5.65 -21.57
N PRO A 249 7.24 6.39 -20.56
CA PRO A 249 6.53 6.42 -19.28
C PRO A 249 5.28 7.28 -19.31
N GLN A 250 5.12 8.12 -20.34
CA GLN A 250 3.99 9.04 -20.36
C GLN A 250 2.66 8.32 -20.46
N ARG A 251 2.64 7.11 -21.01
CA ARG A 251 1.40 6.38 -21.19
C ARG A 251 1.36 5.02 -20.50
N ASP A 252 2.51 4.37 -20.28
CA ASP A 252 2.51 3.08 -19.61
C ASP A 252 2.37 3.20 -18.10
N MET A 253 2.72 4.35 -17.52
CA MET A 253 2.57 4.54 -16.08
C MET A 253 1.12 4.80 -15.69
N PRO A 254 0.35 5.61 -16.43
CA PRO A 254 -1.09 5.67 -16.14
C PRO A 254 -1.79 4.34 -16.33
N ILE A 255 -1.37 3.55 -17.31
CA ILE A 255 -1.96 2.23 -17.50
C ILE A 255 -1.67 1.35 -16.30
N GLY A 256 -0.41 1.33 -15.85
CA GLY A 256 -0.04 0.49 -14.73
C GLY A 256 -0.77 0.85 -13.45
N ILE A 257 -1.04 2.13 -13.24
CA ILE A 257 -1.72 2.58 -12.03
C ILE A 257 -3.18 2.14 -12.05
N ILE A 258 -3.91 2.50 -13.10
CA ILE A 258 -5.35 2.27 -13.12
C ILE A 258 -5.67 0.78 -13.27
N VAL A 259 -4.95 0.08 -14.16
CA VAL A 259 -5.24 -1.33 -14.41
C VAL A 259 -4.99 -2.15 -13.15
N SER A 260 -3.93 -1.82 -12.40
CA SER A 260 -3.65 -2.56 -11.18
C SER A 260 -4.75 -2.34 -10.13
N LEU A 261 -5.24 -1.10 -10.03
CA LEU A 261 -6.25 -0.80 -9.02
C LEU A 261 -7.59 -1.46 -9.36
N LEU A 262 -8.01 -1.37 -10.62
CA LEU A 262 -9.29 -1.93 -11.00
C LEU A 262 -9.30 -3.45 -10.91
N VAL A 263 -8.15 -4.10 -11.14
CA VAL A 263 -8.05 -5.54 -10.99
C VAL A 263 -8.22 -5.93 -9.52
N CYS A 264 -7.54 -5.21 -8.62
CA CYS A 264 -7.68 -5.49 -7.19
C CYS A 264 -9.09 -5.20 -6.70
N THR A 265 -9.74 -4.17 -7.26
CA THR A 265 -11.10 -3.83 -6.84
C THR A 265 -12.07 -4.98 -7.12
N LEU A 266 -11.96 -5.59 -8.30
CA LEU A 266 -12.81 -6.73 -8.62
C LEU A 266 -12.52 -7.91 -7.70
N LEU A 267 -11.24 -8.21 -7.47
CA LEU A 267 -10.88 -9.30 -6.57
C LEU A 267 -11.32 -8.98 -5.15
N TYR A 268 -11.23 -7.72 -4.74
CA TYR A 268 -11.64 -7.35 -3.39
C TYR A 268 -13.14 -7.51 -3.21
N ILE A 269 -13.93 -7.06 -4.19
CA ILE A 269 -15.38 -7.23 -4.12
C ILE A 269 -15.74 -8.70 -4.08
N ALA A 270 -14.97 -9.53 -4.79
CA ALA A 270 -15.24 -10.97 -4.82
C ALA A 270 -14.91 -11.62 -3.49
N VAL A 271 -13.78 -11.23 -2.87
CA VAL A 271 -13.36 -11.87 -1.62
C VAL A 271 -14.34 -11.54 -0.50
N SER A 272 -14.78 -10.29 -0.42
CA SER A 272 -15.70 -9.89 0.64
C SER A 272 -17.00 -10.68 0.58
N LEU A 273 -17.51 -10.92 -0.63
CA LEU A 273 -18.77 -11.65 -0.76
C LEU A 273 -18.59 -13.13 -0.39
N VAL A 274 -17.48 -13.73 -0.83
CA VAL A 274 -17.26 -15.15 -0.55
C VAL A 274 -16.87 -15.36 0.91
N LEU A 275 -16.03 -14.50 1.46
CA LEU A 275 -15.59 -14.68 2.85
C LEU A 275 -16.76 -14.59 3.81
N THR A 276 -17.60 -13.56 3.66
CA THR A 276 -18.80 -13.44 4.49
C THR A 276 -19.85 -14.48 4.15
N GLY A 277 -19.84 -15.01 2.92
CA GLY A 277 -20.79 -16.04 2.58
C GLY A 277 -20.44 -17.40 3.17
N ILE A 278 -19.15 -17.64 3.41
CA ILE A 278 -18.73 -18.89 4.03
C ILE A 278 -18.88 -18.82 5.55
N VAL A 279 -18.15 -17.89 6.17
CA VAL A 279 -18.15 -17.73 7.62
C VAL A 279 -19.14 -16.66 8.01
N PRO A 280 -19.96 -16.87 9.04
CA PRO A 280 -20.78 -15.77 9.57
C PRO A 280 -19.88 -14.63 10.02
N TYR A 281 -20.33 -13.40 9.76
CA TYR A 281 -19.48 -12.24 9.99
C TYR A 281 -19.02 -12.14 11.44
N GLU A 282 -19.84 -12.62 12.38
CA GLU A 282 -19.47 -12.53 13.79
C GLU A 282 -18.20 -13.32 14.11
N GLN A 283 -17.94 -14.40 13.37
CA GLN A 283 -16.79 -15.25 13.63
C GLN A 283 -15.56 -14.87 12.80
N LEU A 284 -15.59 -13.73 12.11
CA LEU A 284 -14.50 -13.37 11.21
C LEU A 284 -13.41 -12.55 11.89
N ASN A 285 -13.59 -12.14 13.15
CA ASN A 285 -12.54 -11.42 13.85
C ASN A 285 -11.41 -12.37 14.21
N VAL A 286 -10.49 -12.57 13.27
CA VAL A 286 -9.36 -13.48 13.45
C VAL A 286 -8.18 -12.93 12.65
N LYS A 287 -6.98 -13.39 12.99
CA LYS A 287 -5.77 -12.83 12.39
C LYS A 287 -5.58 -13.26 10.94
N ASN A 288 -6.18 -14.35 10.50
CA ASN A 288 -6.05 -14.84 9.13
C ASN A 288 -7.41 -15.28 8.60
N PRO A 289 -8.30 -14.33 8.29
CA PRO A 289 -9.66 -14.69 7.90
C PRO A 289 -9.76 -15.55 6.65
N VAL A 290 -8.90 -15.32 5.66
CA VAL A 290 -8.98 -16.10 4.42
C VAL A 290 -8.55 -17.54 4.66
N ALA A 291 -7.47 -17.75 5.42
CA ALA A 291 -7.11 -19.10 5.82
C ALA A 291 -8.10 -19.66 6.81
N PHE A 292 -8.65 -18.81 7.67
CA PHE A 292 -9.69 -19.24 8.60
C PHE A 292 -10.94 -19.70 7.87
N ALA A 293 -11.28 -19.03 6.77
CA ALA A 293 -12.48 -19.42 6.02
C ALA A 293 -12.31 -20.80 5.39
N LEU A 294 -11.10 -21.13 4.93
CA LEU A 294 -10.89 -22.43 4.33
C LEU A 294 -10.83 -23.52 5.40
N ASN A 295 -10.34 -23.20 6.60
CA ASN A 295 -10.34 -24.16 7.69
C ASN A 295 -11.75 -24.37 8.24
N TYR A 296 -12.50 -23.27 8.41
CA TYR A 296 -13.85 -23.35 8.97
C TYR A 296 -14.75 -24.25 8.15
N ILE A 297 -14.46 -24.41 6.86
CA ILE A 297 -15.32 -25.15 5.95
C ILE A 297 -14.72 -26.50 5.57
N HIS A 298 -13.66 -26.93 6.26
CA HIS A 298 -13.02 -28.24 6.14
C HIS A 298 -12.12 -28.36 4.91
N GLN A 299 -11.73 -27.24 4.31
CA GLN A 299 -10.75 -27.27 3.22
C GLN A 299 -9.37 -26.90 3.77
N ASP A 300 -8.79 -27.86 4.49
CA ASP A 300 -7.54 -27.58 5.21
C ASP A 300 -6.35 -27.54 4.26
N TRP A 301 -6.31 -28.44 3.27
CA TRP A 301 -5.16 -28.51 2.39
C TRP A 301 -5.02 -27.24 1.54
N VAL A 302 -6.14 -26.63 1.15
CA VAL A 302 -6.09 -25.39 0.39
C VAL A 302 -5.70 -24.23 1.30
N ALA A 303 -6.09 -24.29 2.58
CA ALA A 303 -5.74 -23.24 3.52
C ALA A 303 -4.23 -23.10 3.71
N GLY A 304 -3.47 -24.14 3.37
CA GLY A 304 -2.02 -24.05 3.41
C GLY A 304 -1.48 -23.29 2.22
N PHE A 305 -2.07 -23.51 1.05
CA PHE A 305 -1.67 -22.75 -0.14
C PHE A 305 -1.89 -21.26 0.07
N ILE A 306 -3.11 -20.87 0.48
CA ILE A 306 -3.42 -19.46 0.68
C ILE A 306 -2.51 -18.87 1.76
N SER A 307 -2.22 -19.64 2.81
CA SER A 307 -1.33 -19.16 3.86
C SER A 307 0.10 -18.96 3.33
N LEU A 308 0.53 -19.80 2.40
CA LEU A 308 1.87 -19.64 1.83
C LEU A 308 1.92 -18.48 0.84
N GLY A 309 0.91 -18.35 -0.01
CA GLY A 309 0.85 -17.22 -0.91
C GLY A 309 0.75 -15.90 -0.18
N ALA A 310 0.05 -15.90 0.96
CA ALA A 310 -0.02 -14.70 1.78
C ALA A 310 1.32 -14.37 2.41
N ILE A 311 2.05 -15.40 2.86
CA ILE A 311 3.36 -15.17 3.47
C ILE A 311 4.34 -14.62 2.43
N ALA A 312 4.36 -15.21 1.24
CA ALA A 312 5.23 -14.76 0.17
C ALA A 312 4.69 -13.55 -0.57
N GLY A 313 3.43 -13.20 -0.38
CA GLY A 313 2.86 -12.06 -1.07
C GLY A 313 2.82 -10.79 -0.24
N ILE A 314 2.41 -10.92 1.02
CA ILE A 314 2.43 -9.76 1.93
C ILE A 314 3.85 -9.27 2.12
N THR A 315 4.84 -10.18 2.08
CA THR A 315 6.23 -9.78 2.24
C THR A 315 6.73 -8.91 1.10
N THR A 316 6.01 -8.87 -0.02
CA THR A 316 6.36 -7.95 -1.09
C THR A 316 5.87 -6.54 -0.80
N VAL A 317 4.67 -6.42 -0.23
CA VAL A 317 4.13 -5.11 0.14
C VAL A 317 5.05 -4.45 1.17
N LEU A 318 5.62 -5.25 2.06
CA LEU A 318 6.54 -4.71 3.06
C LEU A 318 7.83 -4.20 2.43
N LEU A 319 8.33 -4.92 1.42
CA LEU A 319 9.52 -4.46 0.70
C LEU A 319 9.26 -3.14 -0.01
N VAL A 320 8.09 -3.00 -0.62
CA VAL A 320 7.78 -1.77 -1.35
C VAL A 320 7.54 -0.61 -0.39
N SER A 321 6.89 -0.88 0.74
CA SER A 321 6.55 0.19 1.68
C SER A 321 7.80 0.79 2.31
N MET A 322 8.70 -0.05 2.83
CA MET A 322 9.89 0.45 3.48
C MET A 322 10.85 1.08 2.48
N TYR A 323 10.86 0.61 1.23
CA TYR A 323 11.67 1.27 0.20
C TYR A 323 11.09 2.63 -0.15
N GLY A 324 9.76 2.73 -0.24
CA GLY A 324 9.13 4.00 -0.50
C GLY A 324 9.36 5.02 0.59
N GLN A 325 9.59 4.55 1.83
CA GLN A 325 9.96 5.46 2.91
C GLN A 325 11.44 5.81 2.84
N THR A 326 12.28 4.82 2.52
CA THR A 326 13.71 5.07 2.42
C THR A 326 14.02 6.03 1.28
N ARG A 327 13.41 5.79 0.11
CA ARG A 327 13.60 6.69 -1.02
C ARG A 327 13.03 8.08 -0.74
N LEU A 328 12.03 8.16 0.15
CA LEU A 328 11.48 9.46 0.52
C LEU A 328 12.46 10.27 1.36
N PHE A 329 13.24 9.60 2.21
CA PHE A 329 14.31 10.28 2.93
C PHE A 329 15.40 10.75 1.98
N TYR A 330 15.66 9.98 0.92
CA TYR A 330 16.68 10.37 -0.05
C TYR A 330 16.27 11.62 -0.82
N ALA A 331 14.97 11.75 -1.11
CA ALA A 331 14.52 12.87 -1.93
C ALA A 331 14.32 14.14 -1.10
N ILE A 332 13.79 14.00 0.12
CA ILE A 332 13.54 15.18 0.95
C ILE A 332 14.86 15.83 1.35
N SER A 333 15.84 15.03 1.79
CA SER A 333 17.14 15.57 2.14
C SER A 333 17.88 16.10 0.92
N ARG A 334 17.64 15.51 -0.26
CA ARG A 334 18.20 16.05 -1.49
C ARG A 334 17.67 17.46 -1.76
N ASP A 335 16.38 17.67 -1.55
CA ASP A 335 15.78 19.00 -1.67
C ASP A 335 16.17 19.93 -0.54
N GLY A 336 16.92 19.44 0.46
CA GLY A 336 17.45 20.26 1.51
C GLY A 336 16.58 20.39 2.75
N LEU A 337 15.37 19.84 2.74
CA LEU A 337 14.47 19.97 3.87
C LEU A 337 14.85 19.07 5.04
N LEU A 338 15.82 18.20 4.88
CA LEU A 338 16.33 17.35 5.94
C LEU A 338 17.85 17.31 5.85
N PRO A 339 18.53 17.03 6.96
CA PRO A 339 20.01 16.98 6.91
C PRO A 339 20.50 15.84 6.05
N LYS A 340 21.56 16.12 5.28
CA LYS A 340 22.15 15.14 4.39
C LYS A 340 23.11 14.23 5.16
N VAL A 341 22.88 12.93 5.08
CA VAL A 341 23.75 11.94 5.71
C VAL A 341 24.57 11.25 4.64
N PHE A 342 25.78 10.84 5.01
CA PHE A 342 26.74 10.27 4.07
C PHE A 342 27.41 9.05 4.68
N ALA A 343 27.75 8.10 3.81
CA ALA A 343 28.49 6.91 4.20
C ALA A 343 29.27 6.41 3.00
N ARG A 344 30.31 5.63 3.27
CA ARG A 344 31.19 5.15 2.21
C ARG A 344 30.58 3.93 1.50
N ILE A 345 30.54 3.99 0.17
CA ILE A 345 30.14 2.85 -0.64
C ILE A 345 31.35 2.06 -1.12
N SER A 346 32.52 2.69 -1.19
CA SER A 346 33.78 2.06 -1.51
C SER A 346 34.77 2.41 -0.41
N PRO A 347 35.94 1.78 -0.40
CA PRO A 347 36.95 2.15 0.62
C PRO A 347 37.34 3.62 0.58
N THR A 348 37.17 4.31 -0.56
CA THR A 348 37.55 5.72 -0.66
C THR A 348 36.54 6.53 -1.48
N ARG A 349 35.27 6.13 -1.47
CA ARG A 349 34.22 6.84 -2.20
C ARG A 349 32.96 6.83 -1.36
N GLN A 350 32.54 8.01 -0.90
CA GLN A 350 31.37 8.13 -0.04
C GLN A 350 30.18 8.68 -0.84
N VAL A 351 28.98 8.24 -0.45
CA VAL A 351 27.76 8.57 -1.17
C VAL A 351 26.70 9.01 -0.16
N PRO A 352 25.64 9.68 -0.62
CA PRO A 352 24.54 9.99 0.30
C PRO A 352 23.90 8.71 0.84
N TYR A 353 23.61 8.73 2.14
CA TYR A 353 23.20 7.55 2.87
C TYR A 353 21.97 7.84 3.71
N VAL A 354 21.09 6.84 3.82
CA VAL A 354 19.92 6.90 4.69
C VAL A 354 19.96 5.64 5.56
N ASN A 355 20.03 5.83 6.87
CA ASN A 355 20.18 4.70 7.78
C ASN A 355 18.94 3.81 7.78
N THR A 356 18.95 2.78 6.94
CA THR A 356 17.83 1.85 6.88
C THR A 356 17.69 1.02 8.14
N TRP A 357 18.78 0.81 8.88
CA TRP A 357 18.70 0.03 10.12
C TRP A 357 18.05 0.81 11.24
N LEU A 358 18.08 2.14 11.19
CA LEU A 358 17.38 2.94 12.19
C LEU A 358 15.92 3.15 11.81
N THR A 359 15.66 3.46 10.54
CA THR A 359 14.28 3.55 10.08
C THR A 359 13.59 2.20 10.15
N GLY A 360 14.34 1.11 10.00
CA GLY A 360 13.80 -0.22 10.13
C GLY A 360 13.56 -0.63 11.55
N ALA A 361 14.50 -0.29 12.44
CA ALA A 361 14.31 -0.59 13.87
C ALA A 361 13.14 0.19 14.45
N ALA A 362 12.89 1.41 13.97
CA ALA A 362 11.72 2.15 14.42
C ALA A 362 10.44 1.45 13.98
N VAL A 363 10.41 0.96 12.74
CA VAL A 363 9.27 0.21 12.25
C VAL A 363 9.13 -1.10 13.03
N ALA A 364 10.25 -1.77 13.30
CA ALA A 364 10.21 -3.05 14.02
C ALA A 364 9.64 -2.88 15.42
N VAL A 365 9.90 -1.75 16.07
CA VAL A 365 9.38 -1.53 17.41
C VAL A 365 7.85 -1.40 17.37
N PHE A 366 7.34 -0.52 16.51
CA PHE A 366 5.91 -0.29 16.46
C PHE A 366 5.14 -1.50 15.97
N ALA A 367 5.76 -2.33 15.12
CA ALA A 367 5.10 -3.54 14.64
C ALA A 367 4.93 -4.57 15.74
N GLY A 368 5.76 -4.52 16.78
CA GLY A 368 5.69 -5.47 17.86
C GLY A 368 4.92 -5.03 19.09
N ILE A 369 4.47 -3.79 19.15
CA ILE A 369 3.77 -3.30 20.34
C ILE A 369 2.42 -2.65 20.03
N ILE A 370 2.14 -2.27 18.78
CA ILE A 370 0.89 -1.58 18.44
C ILE A 370 -0.03 -2.56 17.74
N PRO A 371 -1.31 -2.61 18.11
CA PRO A 371 -2.25 -3.49 17.41
C PRO A 371 -2.51 -3.02 15.99
N LEU A 372 -2.96 -3.97 15.16
CA LEU A 372 -3.08 -3.72 13.72
C LEU A 372 -4.17 -2.69 13.43
N ASN A 373 -5.27 -2.70 14.19
CA ASN A 373 -6.36 -1.79 13.90
C ASN A 373 -5.95 -0.33 14.13
N LYS A 374 -5.00 -0.09 15.03
CA LYS A 374 -4.53 1.27 15.26
C LYS A 374 -3.55 1.71 14.18
N LEU A 375 -2.57 0.86 13.87
CA LEU A 375 -1.60 1.20 12.81
C LEU A 375 -2.30 1.41 11.48
N ALA A 376 -3.32 0.60 11.18
CA ALA A 376 -4.06 0.79 9.94
C ALA A 376 -4.79 2.12 9.93
N GLU A 377 -5.44 2.47 11.04
CA GLU A 377 -6.16 3.74 11.11
C GLU A 377 -5.22 4.93 11.01
N LEU A 378 -4.06 4.85 11.68
CA LEU A 378 -3.10 5.94 11.60
C LEU A 378 -2.49 6.04 10.21
N THR A 379 -2.29 4.88 9.55
CA THR A 379 -1.87 4.91 8.15
C THR A 379 -2.94 5.52 7.27
N ASN A 380 -4.22 5.27 7.59
CA ASN A 380 -5.30 5.70 6.71
C ASN A 380 -5.46 7.21 6.70
N ILE A 381 -5.26 7.87 7.85
CA ILE A 381 -5.37 9.32 7.86
C ILE A 381 -4.21 9.96 7.09
N GLY A 382 -3.05 9.31 7.07
CA GLY A 382 -1.94 9.83 6.29
C GLY A 382 -2.14 9.68 4.80
N THR A 383 -2.69 8.53 4.38
CA THR A 383 -2.93 8.31 2.96
C THR A 383 -4.06 9.18 2.44
N LEU A 384 -5.07 9.42 3.27
CA LEU A 384 -6.24 10.18 2.80
C LEU A 384 -5.89 11.64 2.57
N PHE A 385 -5.10 12.24 3.46
CA PHE A 385 -4.68 13.62 3.25
C PHE A 385 -3.74 13.75 2.06
N ALA A 386 -2.88 12.76 1.85
CA ALA A 386 -2.04 12.77 0.66
C ALA A 386 -2.87 12.60 -0.61
N PHE A 387 -3.93 11.78 -0.53
CA PHE A 387 -4.81 11.62 -1.69
C PHE A 387 -5.58 12.90 -1.98
N ILE A 388 -6.02 13.60 -0.95
CA ILE A 388 -6.77 14.84 -1.15
C ILE A 388 -5.89 15.91 -1.76
N THR A 389 -4.63 15.98 -1.34
CA THR A 389 -3.72 17.00 -1.87
C THR A 389 -3.46 16.79 -3.35
N VAL A 390 -3.24 15.53 -3.76
CA VAL A 390 -2.97 15.25 -5.16
C VAL A 390 -4.20 15.54 -6.01
N SER A 391 -5.39 15.16 -5.52
CA SER A 391 -6.61 15.41 -6.27
C SER A 391 -6.84 16.90 -6.48
N ILE A 392 -6.46 17.72 -5.51
CA ILE A 392 -6.54 19.17 -5.69
C ILE A 392 -5.40 19.67 -6.57
N GLY A 393 -4.21 19.07 -6.45
CA GLY A 393 -3.08 19.50 -7.24
C GLY A 393 -3.30 19.36 -8.73
N VAL A 394 -4.10 18.37 -9.15
CA VAL A 394 -4.43 18.24 -10.56
C VAL A 394 -5.16 19.49 -11.04
N LEU A 395 -6.17 19.94 -10.29
CA LEU A 395 -6.89 21.15 -10.65
C LEU A 395 -5.98 22.37 -10.60
N VAL A 396 -5.05 22.41 -9.64
CA VAL A 396 -4.08 23.49 -9.59
C VAL A 396 -3.16 23.44 -10.80
N LEU A 397 -2.67 22.24 -11.12
CA LEU A 397 -1.82 22.07 -12.30
C LEU A 397 -2.59 22.29 -13.60
N ARG A 398 -3.93 22.17 -13.56
CA ARG A 398 -4.72 22.50 -14.75
C ARG A 398 -4.85 24.00 -14.92
N LYS A 399 -5.02 24.73 -13.82
CA LYS A 399 -5.15 26.19 -13.89
C LYS A 399 -3.79 26.85 -14.11
N THR A 400 -2.84 26.58 -13.22
CA THR A 400 -1.46 27.03 -13.42
C THR A 400 -0.72 25.96 -14.20
N GLN A 401 -0.16 26.35 -15.36
CA GLN A 401 0.49 25.48 -16.34
C GLN A 401 -0.54 24.60 -17.05
N PRO A 402 -1.47 25.19 -17.83
CA PRO A 402 -2.45 24.37 -18.55
C PRO A 402 -1.87 23.74 -19.81
N ASP A 403 -1.00 24.49 -20.51
CA ASP A 403 -0.39 24.02 -21.75
C ASP A 403 0.80 23.10 -21.43
N LEU A 404 0.46 21.91 -20.92
CA LEU A 404 1.44 20.90 -20.56
C LEU A 404 1.13 19.60 -21.28
N LYS A 405 2.17 18.80 -21.52
CA LYS A 405 2.01 17.51 -22.17
C LYS A 405 1.26 16.56 -21.25
N ARG A 406 0.09 16.10 -21.69
CA ARG A 406 -0.75 15.19 -20.92
C ARG A 406 -1.18 14.04 -21.84
N ALA A 407 -0.37 12.98 -21.88
CA ALA A 407 -0.76 11.79 -22.63
C ALA A 407 -2.04 11.20 -22.07
N PHE A 408 -2.16 11.16 -20.75
CA PHE A 408 -3.39 10.80 -20.06
C PHE A 408 -3.84 11.98 -19.21
N ARG A 409 -5.14 12.24 -19.20
CA ARG A 409 -5.70 13.30 -18.38
C ARG A 409 -7.01 12.83 -17.79
N VAL A 410 -7.31 13.30 -16.58
CA VAL A 410 -8.50 12.92 -15.82
C VAL A 410 -9.74 13.09 -16.71
N PRO A 411 -10.66 12.11 -16.71
CA PRO A 411 -11.83 12.16 -17.63
C PRO A 411 -12.54 13.50 -17.66
N PHE A 412 -13.13 13.90 -16.54
CA PHE A 412 -13.88 15.14 -16.44
C PHE A 412 -13.09 16.13 -15.60
N VAL A 413 -12.91 17.35 -16.15
CA VAL A 413 -11.88 18.26 -15.65
C VAL A 413 -12.07 18.61 -14.17
N PRO A 414 -13.23 19.15 -13.73
CA PRO A 414 -13.34 19.48 -12.30
C PRO A 414 -14.10 18.45 -11.47
N VAL A 415 -15.05 17.75 -12.10
CA VAL A 415 -16.01 16.95 -11.33
C VAL A 415 -15.33 15.77 -10.66
N VAL A 416 -14.50 15.04 -11.39
CA VAL A 416 -13.85 13.84 -10.86
C VAL A 416 -12.86 14.20 -9.76
N PRO A 417 -11.95 15.17 -9.94
CA PRO A 417 -11.04 15.52 -8.84
C PRO A 417 -11.77 16.05 -7.61
N ILE A 418 -12.87 16.77 -7.80
CA ILE A 418 -13.68 17.21 -6.65
C ILE A 418 -14.30 16.00 -5.96
N LEU A 419 -14.83 15.05 -6.75
CA LEU A 419 -15.40 13.85 -6.16
C LEU A 419 -14.36 13.06 -5.39
N ALA A 420 -13.12 13.04 -5.87
CA ALA A 420 -12.04 12.40 -5.13
C ALA A 420 -11.83 13.06 -3.78
N VAL A 421 -12.01 14.38 -3.71
CA VAL A 421 -11.81 15.09 -2.46
C VAL A 421 -12.96 14.82 -1.49
N LEU A 422 -14.19 14.90 -1.99
CA LEU A 422 -15.35 14.69 -1.14
C LEU A 422 -15.42 13.25 -0.63
N PHE A 423 -15.18 12.27 -1.52
CA PHE A 423 -15.21 10.87 -1.11
C PHE A 423 -14.15 10.59 -0.05
N CYS A 424 -12.92 11.06 -0.27
CA CYS A 424 -11.86 10.83 0.70
C CYS A 424 -12.13 11.55 2.00
N GLY A 425 -12.46 12.84 1.93
CA GLY A 425 -12.74 13.60 3.14
C GLY A 425 -13.89 13.05 3.94
N TYR A 426 -14.85 12.41 3.28
CA TYR A 426 -15.94 11.75 4.00
C TYR A 426 -15.42 10.53 4.76
N LEU A 427 -14.44 9.82 4.19
CA LEU A 427 -13.88 8.66 4.87
C LEU A 427 -13.08 9.06 6.10
N VAL A 428 -12.41 10.22 6.06
CA VAL A 428 -11.62 10.68 7.18
C VAL A 428 -12.50 10.93 8.40
N LEU A 429 -13.74 11.37 8.19
CA LEU A 429 -14.65 11.65 9.29
C LEU A 429 -15.05 10.40 10.06
N GLN A 430 -14.97 9.23 9.43
CA GLN A 430 -15.33 7.98 10.08
C GLN A 430 -14.15 7.32 10.79
N LEU A 431 -13.06 8.04 10.98
CA LEU A 431 -11.94 7.53 11.75
C LEU A 431 -12.03 8.03 13.19
N PRO A 432 -11.47 7.29 14.15
CA PRO A 432 -11.55 7.72 15.55
C PRO A 432 -10.83 9.04 15.78
N ALA A 433 -11.15 9.66 16.92
CA ALA A 433 -10.53 10.92 17.27
C ALA A 433 -9.10 10.74 17.76
N MET A 434 -8.77 9.57 18.32
CA MET A 434 -7.42 9.33 18.79
C MET A 434 -6.43 9.22 17.62
N THR A 435 -6.92 8.83 16.44
CA THR A 435 -6.06 8.83 15.26
C THR A 435 -5.62 10.24 14.90
N TRP A 436 -6.48 11.23 15.16
CA TRP A 436 -6.11 12.62 14.95
C TRP A 436 -5.02 13.08 15.91
N ILE A 437 -4.89 12.43 17.08
CA ILE A 437 -3.91 12.86 18.06
C ILE A 437 -2.49 12.64 17.53
N GLY A 438 -2.20 11.42 17.09
CA GLY A 438 -0.87 11.13 16.55
C GLY A 438 -0.62 11.75 15.20
N PHE A 439 -1.67 12.08 14.45
CA PHE A 439 -1.49 12.64 13.12
C PHE A 439 -1.28 14.15 13.17
N VAL A 440 -2.09 14.86 13.96
CA VAL A 440 -1.94 16.31 14.06
C VAL A 440 -0.66 16.66 14.79
N SER A 441 -0.36 15.96 15.90
CA SER A 441 0.87 16.23 16.64
C SER A 441 2.10 15.91 15.81
N TRP A 442 2.00 14.95 14.89
CA TRP A 442 3.11 14.67 13.98
C TRP A 442 3.32 15.81 13.00
N LEU A 443 2.21 16.36 12.48
CA LEU A 443 2.33 17.49 11.56
C LEU A 443 2.83 18.74 12.27
N LEU A 444 2.46 18.92 13.54
CA LEU A 444 2.97 20.05 14.30
C LEU A 444 4.47 19.92 14.56
N ILE A 445 4.97 18.69 14.72
CA ILE A 445 6.40 18.49 14.84
C ILE A 445 7.11 18.84 13.53
N GLY A 446 6.53 18.42 12.40
CA GLY A 446 7.12 18.74 11.11
C GLY A 446 6.98 20.21 10.76
N LEU A 447 5.85 20.83 11.15
CA LEU A 447 5.69 22.25 10.91
C LEU A 447 6.72 23.07 11.68
N VAL A 448 7.14 22.59 12.86
CA VAL A 448 8.20 23.26 13.59
C VAL A 448 9.54 23.08 12.88
N ILE A 449 9.81 21.87 12.38
CA ILE A 449 11.07 21.61 11.71
C ILE A 449 11.24 22.50 10.49
N TYR A 450 10.14 22.74 9.75
CA TYR A 450 10.22 23.54 8.54
C TYR A 450 10.55 25.00 8.83
N PHE A 451 10.09 25.53 9.97
CA PHE A 451 10.33 26.92 10.31
C PHE A 451 11.56 27.13 11.18
N ILE A 452 12.40 26.10 11.33
CA ILE A 452 13.66 26.24 12.06
C ILE A 452 14.78 25.60 11.26
N TYR A 453 14.43 24.91 10.17
CA TYR A 453 15.43 24.24 9.34
C TYR A 453 14.98 24.10 7.90
N GLY A 454 13.66 24.06 7.68
CA GLY A 454 13.15 23.86 6.34
C GLY A 454 13.58 24.94 5.37
N ARG A 455 13.62 26.19 5.84
CA ARG A 455 14.15 27.31 5.06
C ARG A 455 15.66 27.39 5.10
N LYS A 456 16.34 26.25 5.05
CA LYS A 456 17.78 26.14 5.01
C LYS A 456 18.10 25.01 4.03
N HIS A 457 17.70 25.20 2.77
CA HIS A 457 17.69 24.12 1.80
C HIS A 457 18.28 24.56 0.47
N SER A 458 18.15 23.71 -0.56
CA SER A 458 18.73 23.93 -1.87
C SER A 458 17.93 24.91 -2.73
N GLU A 459 16.97 25.64 -2.14
CA GLU A 459 16.20 26.62 -2.90
C GLU A 459 15.96 27.89 -2.10
N LEU A 460 16.76 28.16 -1.07
CA LEU A 460 16.55 29.33 -0.24
C LEU A 460 16.98 30.60 -0.98
N ASN A 461 18.23 30.65 -1.43
CA ASN A 461 18.77 31.80 -2.15
C ASN A 461 18.65 33.10 -1.36
N MET B 1 8.77 -7.07 -20.84
CA MET B 1 7.33 -7.29 -20.72
C MET B 1 6.90 -8.54 -21.50
N LEU B 2 7.63 -8.83 -22.58
CA LEU B 2 7.30 -9.93 -23.47
C LEU B 2 7.23 -11.27 -22.73
N GLY B 3 8.40 -11.82 -22.38
CA GLY B 3 8.45 -13.13 -21.74
C GLY B 3 7.87 -13.16 -20.35
N ASN B 4 7.79 -12.01 -19.67
CA ASN B 4 7.27 -12.00 -18.30
C ASN B 4 5.78 -12.29 -18.25
N MET B 5 5.05 -11.99 -19.32
CA MET B 5 3.62 -12.30 -19.36
C MET B 5 3.38 -13.81 -19.37
N ASN B 6 4.32 -14.58 -19.89
CA ASN B 6 4.18 -16.03 -19.90
C ASN B 6 4.49 -16.62 -18.53
N VAL B 7 5.56 -16.15 -17.88
CA VAL B 7 5.91 -16.65 -16.56
C VAL B 7 4.80 -16.34 -15.56
N PHE B 8 4.07 -15.25 -15.78
CA PHE B 8 2.93 -14.93 -14.92
C PHE B 8 1.80 -15.95 -15.12
N MET B 9 1.40 -16.17 -16.38
CA MET B 9 0.31 -17.10 -16.66
C MET B 9 0.69 -18.53 -16.29
N ALA B 10 1.98 -18.88 -16.36
CA ALA B 10 2.41 -20.24 -16.10
C ALA B 10 2.23 -20.62 -14.64
N VAL B 11 2.91 -19.90 -13.74
CA VAL B 11 2.83 -20.22 -12.32
C VAL B 11 1.44 -19.94 -11.77
N LEU B 12 0.66 -19.07 -12.43
CA LEU B 12 -0.75 -18.92 -12.05
C LEU B 12 -1.51 -20.21 -12.34
N GLY B 13 -1.27 -20.82 -13.50
CA GLY B 13 -1.92 -22.08 -13.81
C GLY B 13 -1.37 -23.23 -13.01
N ILE B 14 -0.07 -23.19 -12.69
CA ILE B 14 0.54 -24.24 -11.88
C ILE B 14 -0.05 -24.26 -10.48
N ILE B 15 -0.25 -23.07 -9.89
CA ILE B 15 -0.81 -23.01 -8.55
C ILE B 15 -2.29 -23.39 -8.55
N LEU B 16 -3.04 -22.88 -9.52
CA LEU B 16 -4.46 -23.25 -9.61
C LEU B 16 -4.65 -24.73 -9.92
N PHE B 17 -3.73 -25.32 -10.69
CA PHE B 17 -3.82 -26.75 -10.96
C PHE B 17 -3.61 -27.57 -9.69
N SER B 18 -2.56 -27.26 -8.94
CA SER B 18 -2.31 -27.98 -7.68
C SER B 18 -3.36 -27.62 -6.64
N GLY B 19 -3.86 -26.39 -6.65
CA GLY B 19 -4.90 -26.02 -5.70
C GLY B 19 -6.21 -26.72 -5.99
N PHE B 20 -6.60 -26.76 -7.28
CA PHE B 20 -7.78 -27.54 -7.66
C PHE B 20 -7.59 -29.02 -7.34
N LEU B 21 -6.34 -29.50 -7.39
CA LEU B 21 -6.08 -30.91 -7.10
C LEU B 21 -6.28 -31.22 -5.63
N ALA B 22 -5.79 -30.35 -4.75
CA ALA B 22 -5.92 -30.60 -3.31
C ALA B 22 -7.37 -30.43 -2.85
N ALA B 23 -8.09 -29.45 -3.41
CA ALA B 23 -9.47 -29.23 -3.02
C ALA B 23 -10.37 -30.41 -3.39
N TYR B 24 -9.97 -31.19 -4.40
CA TYR B 24 -10.74 -32.38 -4.76
C TYR B 24 -10.55 -33.49 -3.74
N PHE B 25 -9.39 -33.54 -3.08
CA PHE B 25 -9.09 -34.60 -2.12
C PHE B 25 -9.30 -34.11 -0.68
N SER B 26 -10.52 -33.66 -0.40
CA SER B 26 -10.85 -33.17 0.93
C SER B 26 -12.34 -33.39 1.18
N HIS B 27 -12.70 -33.28 2.46
CA HIS B 27 -14.09 -33.44 2.91
C HIS B 27 -14.65 -34.80 2.51
#